data_5NS4
#
_entry.id   5NS4
#
_cell.length_a   93.757
_cell.length_b   122.432
_cell.length_c   51.013
_cell.angle_alpha   90.000
_cell.angle_beta   90.000
_cell.angle_gamma   90.000
#
_symmetry.space_group_name_H-M   'P 21 21 2'
#
loop_
_entity.id
_entity.type
_entity.pdbx_description
1 polymer '50S ribosomal protein L5'
2 polymer 'RNA (34-MER)'
3 non-polymer 'MAGNESIUM ION'
4 non-polymer 3-[(2~{Z})-2-[(~{E})-3-[3,3-dimethyl-1-(3-oxidanylpropyl)indol-1-ium-2-yl]prop-2-enylidene]-3,3-dimethyl-indol-1-yl]propan-1-ol
5 water water
#
loop_
_entity_poly.entity_id
_entity_poly.type
_entity_poly.pdbx_seq_one_letter_code
_entity_poly.pdbx_strand_id
1 'polypeptide(L)'
;DVALKRKYYEEVRPELIRRFGYQNVWEVPRLEKVVINQGLGEAKEDARILEKAAQELALITGQKPAVTRAKKSISNFKLR
KGMPIGLRVTLRRDRMWIFLEKLLNVALPRIRDFRGLNPNSFDGRGNYNLGLREQLIFPEITYDMVDALRGMDIAVVTTA
ETDEEARALLELLGFPFR
;
A,B
2 'polyribonucleotide' UGCACCUGACCCCAUGCCGAACUCAGAAGUGCA C,D
#
loop_
_chem_comp.id
_chem_comp.type
_chem_comp.name
_chem_comp.formula
96T non-polymer 3-[(2~{Z})-2-[(~{E})-3-[3,3-dimethyl-1-(3-oxidanylpropyl)indol-1-ium-2-yl]prop-2-enylidene]-3,3-dimethyl-indol-1-yl]propan-1-ol 'C29 H37 N2 O2 1'
A RNA linking ADENOSINE-5'-MONOPHOSPHATE 'C10 H14 N5 O7 P'
C RNA linking CYTIDINE-5'-MONOPHOSPHATE 'C9 H14 N3 O8 P'
G RNA linking GUANOSINE-5'-MONOPHOSPHATE 'C10 H14 N5 O8 P'
MG non-polymer 'MAGNESIUM ION' 'Mg 2'
U RNA linking URIDINE-5'-MONOPHOSPHATE 'C9 H13 N2 O9 P'
#
# COMPACT_ATOMS: atom_id res chain seq x y z
N ASP A 1 -15.12 -14.15 18.23
CA ASP A 1 -14.94 -13.72 16.81
C ASP A 1 -14.38 -14.87 15.96
N VAL A 2 -13.38 -14.63 15.12
CA VAL A 2 -13.12 -15.54 14.04
C VAL A 2 -11.87 -16.31 14.40
N ALA A 3 -12.00 -17.62 14.48
CA ALA A 3 -10.92 -18.48 14.92
C ALA A 3 -9.72 -18.41 13.97
N LEU A 4 -9.99 -18.37 12.66
CA LEU A 4 -8.90 -18.31 11.68
C LEU A 4 -8.10 -17.01 11.83
N LYS A 5 -8.79 -15.91 12.15
CA LYS A 5 -8.10 -14.65 12.37
C LYS A 5 -7.23 -14.73 13.62
N ARG A 6 -7.77 -15.30 14.69
CA ARG A 6 -7.01 -15.52 15.90
C ARG A 6 -5.82 -16.46 15.65
N LYS A 7 -6.01 -17.50 14.84
CA LYS A 7 -4.90 -18.36 14.44
C LYS A 7 -3.80 -17.54 13.73
N TYR A 8 -4.17 -16.58 12.87
CA TYR A 8 -3.17 -15.73 12.24
C TYR A 8 -2.27 -15.04 13.29
N TYR A 9 -2.87 -14.30 14.20
CA TYR A 9 -2.14 -13.49 15.19
C TYR A 9 -1.38 -14.33 16.23
N GLU A 10 -1.98 -15.43 16.64
CA GLU A 10 -1.42 -16.24 17.70
C GLU A 10 -0.37 -17.26 17.22
N GLU A 11 -0.61 -17.86 16.05
CA GLU A 11 0.21 -18.99 15.58
C GLU A 11 1.01 -18.66 14.34
N VAL A 12 0.36 -18.06 13.35
CA VAL A 12 0.99 -17.88 12.06
C VAL A 12 2.01 -16.77 12.07
N ARG A 13 1.61 -15.60 12.56
CA ARG A 13 2.51 -14.45 12.55
C ARG A 13 3.84 -14.73 13.28
N PRO A 14 3.81 -15.30 14.50
CA PRO A 14 5.08 -15.62 15.14
C PRO A 14 5.94 -16.65 14.39
N GLU A 15 5.33 -17.64 13.74
CA GLU A 15 6.11 -18.61 12.95
C GLU A 15 6.76 -17.94 11.71
N LEU A 16 6.03 -17.06 11.04
CA LEU A 16 6.59 -16.29 9.91
C LEU A 16 7.77 -15.42 10.33
N ILE A 17 7.66 -14.81 11.50
CA ILE A 17 8.75 -14.01 12.05
C ILE A 17 10.00 -14.87 12.28
N ARG A 18 9.84 -16.01 12.93
CA ARG A 18 10.93 -16.95 13.14
C ARG A 18 11.47 -17.42 11.79
N ARG A 19 10.58 -17.74 10.85
CA ARG A 19 11.00 -18.32 9.60
C ARG A 19 11.70 -17.33 8.68
N PHE A 20 11.21 -16.10 8.55
CA PHE A 20 11.77 -15.14 7.59
C PHE A 20 12.58 -14.00 8.23
N GLY A 21 12.59 -13.87 9.57
CA GLY A 21 13.40 -12.81 10.23
C GLY A 21 12.87 -11.37 10.07
N TYR A 22 11.56 -11.22 9.88
CA TYR A 22 10.95 -9.86 9.92
C TYR A 22 11.27 -9.22 11.25
N GLN A 23 11.74 -7.98 11.19
CA GLN A 23 12.19 -7.25 12.38
C GLN A 23 11.05 -6.44 13.03
N ASN A 24 9.90 -6.29 12.37
CA ASN A 24 8.75 -5.63 12.97
C ASN A 24 7.50 -6.39 12.54
N VAL A 25 6.47 -6.32 13.35
CA VAL A 25 5.27 -7.12 13.10
C VAL A 25 4.48 -6.64 11.87
N TRP A 26 4.56 -5.35 11.55
CA TRP A 26 3.83 -4.82 10.38
C TRP A 26 4.43 -5.24 9.02
N GLU A 27 5.66 -5.75 9.04
CA GLU A 27 6.28 -6.31 7.84
C GLU A 27 5.81 -7.71 7.47
N VAL A 28 5.23 -8.40 8.43
CA VAL A 28 4.88 -9.77 8.23
C VAL A 28 3.71 -9.87 7.24
N PRO A 29 3.79 -10.78 6.26
CA PRO A 29 2.66 -11.00 5.35
C PRO A 29 1.30 -11.13 6.06
N ARG A 30 0.29 -10.43 5.54
CA ARG A 30 -1.09 -10.47 6.01
C ARG A 30 -1.99 -10.80 4.80
N LEU A 31 -3.18 -11.33 5.07
CA LEU A 31 -4.25 -11.36 4.08
C LEU A 31 -4.77 -9.95 3.89
N GLU A 32 -4.96 -9.53 2.65
CA GLU A 32 -5.49 -8.21 2.36
C GLU A 32 -6.95 -8.28 1.95
N LYS A 33 -7.26 -9.12 0.97
CA LYS A 33 -8.63 -9.29 0.51
C LYS A 33 -8.77 -10.61 -0.21
N VAL A 34 -10.02 -11.07 -0.33
CA VAL A 34 -10.36 -12.23 -1.15
C VAL A 34 -11.42 -11.77 -2.11
N VAL A 35 -11.13 -11.87 -3.41
CA VAL A 35 -12.08 -11.51 -4.48
C VAL A 35 -12.63 -12.76 -5.10
N ILE A 36 -13.97 -12.87 -5.08
CA ILE A 36 -14.69 -14.00 -5.66
C ILE A 36 -15.40 -13.48 -6.90
N ASN A 37 -15.16 -14.12 -8.04
CA ASN A 37 -15.89 -13.81 -9.27
C ASN A 37 -16.57 -15.08 -9.73
N GLN A 38 -17.87 -14.99 -10.00
CA GLN A 38 -18.67 -16.13 -10.49
C GLN A 38 -19.19 -15.77 -11.87
N GLY A 39 -18.68 -16.45 -12.89
CA GLY A 39 -19.13 -16.26 -14.25
C GLY A 39 -20.55 -16.77 -14.44
N LEU A 40 -21.26 -16.15 -15.39
CA LEU A 40 -22.63 -16.52 -15.77
C LEU A 40 -22.57 -17.15 -17.16
N ILE A 49 -32.67 -16.35 -12.35
CA ILE A 49 -31.62 -16.21 -13.37
C ILE A 49 -30.38 -15.61 -12.68
N LEU A 50 -30.05 -14.36 -12.98
CA LEU A 50 -28.95 -13.69 -12.29
C LEU A 50 -29.37 -13.39 -10.83
N GLU A 51 -30.66 -13.14 -10.58
CA GLU A 51 -31.16 -12.84 -9.24
C GLU A 51 -30.96 -14.00 -8.26
N LYS A 52 -31.18 -15.24 -8.69
CA LYS A 52 -30.95 -16.40 -7.82
C LYS A 52 -29.45 -16.61 -7.48
N ALA A 53 -28.62 -16.57 -8.52
CA ALA A 53 -27.16 -16.66 -8.37
C ALA A 53 -26.57 -15.55 -7.50
N ALA A 54 -27.09 -14.33 -7.63
CA ALA A 54 -26.66 -13.22 -6.78
C ALA A 54 -27.07 -13.46 -5.33
N GLN A 55 -28.28 -13.94 -5.11
CA GLN A 55 -28.74 -14.24 -3.75
C GLN A 55 -27.93 -15.36 -3.09
N GLU A 56 -27.58 -16.39 -3.83
CA GLU A 56 -26.77 -17.48 -3.27
C GLU A 56 -25.36 -16.97 -2.91
N LEU A 57 -24.75 -16.23 -3.82
CA LEU A 57 -23.44 -15.66 -3.57
C LEU A 57 -23.48 -14.67 -2.41
N ALA A 58 -24.52 -13.84 -2.34
CA ALA A 58 -24.76 -12.97 -1.16
C ALA A 58 -24.84 -13.76 0.16
N LEU A 59 -25.56 -14.88 0.12
CA LEU A 59 -25.70 -15.72 1.31
C LEU A 59 -24.35 -16.34 1.75
N ILE A 60 -23.57 -16.86 0.79
CA ILE A 60 -22.33 -17.54 1.13
C ILE A 60 -21.20 -16.60 1.56
N THR A 61 -21.19 -15.36 1.05
CA THR A 61 -20.16 -14.36 1.38
C THR A 61 -20.58 -13.37 2.46
N GLY A 62 -21.88 -13.24 2.70
CA GLY A 62 -22.45 -12.18 3.55
C GLY A 62 -22.33 -10.76 2.99
N GLN A 63 -22.22 -10.63 1.68
CA GLN A 63 -21.99 -9.32 1.07
C GLN A 63 -22.69 -9.21 -0.29
N LYS A 64 -23.04 -7.98 -0.67
CA LYS A 64 -23.78 -7.70 -1.90
C LYS A 64 -22.91 -7.84 -3.18
N PRO A 65 -23.23 -8.79 -4.05
CA PRO A 65 -22.42 -8.92 -5.28
C PRO A 65 -22.64 -7.79 -6.24
N ALA A 66 -21.57 -7.29 -6.86
CA ALA A 66 -21.71 -6.36 -7.99
C ALA A 66 -21.89 -7.21 -9.24
N VAL A 67 -22.57 -6.65 -10.23
CA VAL A 67 -22.75 -7.27 -11.52
C VAL A 67 -21.59 -6.88 -12.45
N THR A 68 -20.86 -7.86 -12.94
CA THR A 68 -19.81 -7.64 -13.94
C THR A 68 -20.48 -7.66 -15.33
N ARG A 69 -20.18 -6.66 -16.16
CA ARG A 69 -20.83 -6.47 -17.46
C ARG A 69 -19.81 -6.39 -18.60
N ALA A 70 -20.21 -6.85 -19.79
CA ALA A 70 -19.31 -6.85 -20.96
C ALA A 70 -19.13 -5.42 -21.44
N GLY A 82 -26.28 -4.87 -20.08
CA GLY A 82 -24.86 -4.87 -19.72
C GLY A 82 -23.90 -5.28 -20.81
N MET A 83 -24.04 -6.47 -21.39
CA MET A 83 -24.85 -7.58 -20.87
C MET A 83 -24.17 -8.08 -19.58
N PRO A 84 -24.95 -8.52 -18.57
CA PRO A 84 -24.34 -9.08 -17.36
C PRO A 84 -23.62 -10.38 -17.66
N ILE A 85 -22.37 -10.49 -17.22
CA ILE A 85 -21.57 -11.71 -17.47
C ILE A 85 -21.08 -12.43 -16.21
N GLY A 86 -21.12 -11.77 -15.05
CA GLY A 86 -20.71 -12.41 -13.80
C GLY A 86 -21.05 -11.61 -12.57
N LEU A 87 -20.68 -12.15 -11.43
CA LEU A 87 -20.93 -11.52 -10.14
C LEU A 87 -19.60 -11.44 -9.44
N ARG A 88 -19.32 -10.33 -8.75
CA ARG A 88 -18.04 -10.15 -8.05
C ARG A 88 -18.26 -9.58 -6.65
N VAL A 89 -17.49 -10.09 -5.69
CA VAL A 89 -17.47 -9.59 -4.33
C VAL A 89 -16.03 -9.54 -3.84
N THR A 90 -15.65 -8.41 -3.25
CA THR A 90 -14.35 -8.16 -2.68
C THR A 90 -14.48 -8.17 -1.15
N LEU A 91 -14.00 -9.24 -0.53
CA LEU A 91 -14.13 -9.49 0.90
C LEU A 91 -12.89 -8.99 1.60
N ARG A 92 -13.10 -8.18 2.63
CA ARG A 92 -12.02 -7.67 3.46
C ARG A 92 -12.38 -7.92 4.91
N ARG A 93 -11.41 -7.78 5.81
CA ARG A 93 -11.64 -7.82 7.25
C ARG A 93 -12.46 -9.09 7.66
N ASP A 94 -13.41 -8.97 8.58
CA ASP A 94 -14.04 -10.16 9.17
C ASP A 94 -14.77 -11.02 8.12
N ARG A 95 -15.39 -10.39 7.12
CA ARG A 95 -16.09 -11.15 6.07
C ARG A 95 -15.13 -12.05 5.24
N MET A 96 -13.93 -11.56 4.99
CA MET A 96 -12.87 -12.38 4.39
C MET A 96 -12.55 -13.61 5.24
N TRP A 97 -12.21 -13.37 6.50
CA TRP A 97 -11.88 -14.44 7.46
C TRP A 97 -13.03 -15.43 7.58
N ILE A 98 -14.26 -14.94 7.74
CA ILE A 98 -15.44 -15.83 7.89
C ILE A 98 -15.62 -16.67 6.63
N PHE A 99 -15.49 -16.05 5.45
CA PHE A 99 -15.59 -16.81 4.20
C PHE A 99 -14.47 -17.86 4.11
N LEU A 100 -13.22 -17.49 4.39
CA LEU A 100 -12.12 -18.46 4.31
C LEU A 100 -12.29 -19.65 5.28
N GLU A 101 -12.76 -19.37 6.48
CA GLU A 101 -13.03 -20.41 7.47
C GLU A 101 -14.02 -21.44 6.92
N LYS A 102 -15.06 -20.97 6.22
CA LYS A 102 -16.00 -21.85 5.51
C LYS A 102 -15.39 -22.60 4.34
N LEU A 103 -14.63 -21.90 3.49
CA LEU A 103 -13.95 -22.55 2.37
C LEU A 103 -13.08 -23.70 2.84
N LEU A 104 -12.21 -23.43 3.82
CA LEU A 104 -11.27 -24.44 4.33
C LEU A 104 -11.98 -25.60 5.08
N ASN A 105 -12.86 -25.28 6.03
CA ASN A 105 -13.47 -26.27 6.92
C ASN A 105 -14.67 -27.01 6.32
N VAL A 106 -15.46 -26.34 5.49
CA VAL A 106 -16.71 -26.91 4.99
C VAL A 106 -16.63 -27.24 3.50
N ALA A 107 -16.19 -26.31 2.67
CA ALA A 107 -16.27 -26.47 1.21
C ALA A 107 -15.24 -27.46 0.63
N LEU A 108 -13.96 -27.20 0.83
CA LEU A 108 -12.90 -28.04 0.25
C LEU A 108 -12.99 -29.53 0.60
N PRO A 109 -13.40 -29.88 1.84
CA PRO A 109 -13.61 -31.33 2.13
C PRO A 109 -14.68 -32.11 1.31
N GLY A 116 -5.87 -31.88 -2.53
CA GLY A 116 -5.10 -30.71 -2.10
C GLY A 116 -5.09 -29.63 -3.15
N LEU A 117 -4.85 -28.40 -2.73
CA LEU A 117 -4.73 -27.25 -3.65
C LEU A 117 -3.38 -27.26 -4.38
N ASN A 118 -3.36 -26.68 -5.58
CA ASN A 118 -2.15 -26.63 -6.41
C ASN A 118 -1.17 -25.63 -5.79
N PRO A 119 0.03 -26.07 -5.37
CA PRO A 119 0.99 -25.14 -4.75
C PRO A 119 1.67 -24.17 -5.73
N ASN A 120 1.55 -24.43 -7.04
CA ASN A 120 2.14 -23.60 -8.08
C ASN A 120 1.24 -22.43 -8.53
N SER A 121 0.02 -22.30 -7.98
CA SER A 121 -0.98 -21.36 -8.52
C SER A 121 -0.90 -19.96 -7.89
N PHE A 122 0.31 -19.50 -7.58
CA PHE A 122 0.57 -18.17 -7.13
C PHE A 122 0.87 -17.32 -8.35
N ASP A 123 0.56 -16.02 -8.28
CA ASP A 123 0.63 -15.14 -9.44
C ASP A 123 2.00 -14.50 -9.70
N GLY A 124 3.02 -14.87 -8.91
CA GLY A 124 4.35 -14.25 -9.01
C GLY A 124 4.53 -13.02 -8.09
N ARG A 125 3.44 -12.51 -7.53
CA ARG A 125 3.50 -11.31 -6.68
C ARG A 125 2.86 -11.58 -5.33
N GLY A 126 2.83 -12.83 -4.93
CA GLY A 126 2.38 -13.21 -3.59
C GLY A 126 0.88 -13.34 -3.38
N ASN A 127 0.15 -13.56 -4.46
CA ASN A 127 -1.30 -13.80 -4.40
C ASN A 127 -1.63 -15.18 -4.96
N TYR A 128 -2.71 -15.77 -4.45
CA TYR A 128 -3.10 -17.11 -4.79
C TYR A 128 -4.40 -17.12 -5.59
N ASN A 129 -4.47 -18.00 -6.59
CA ASN A 129 -5.63 -18.09 -7.48
C ASN A 129 -6.17 -19.51 -7.48
N LEU A 130 -7.47 -19.62 -7.28
CA LEU A 130 -8.13 -20.94 -7.23
C LEU A 130 -9.41 -20.82 -8.05
N GLY A 131 -9.58 -21.69 -9.05
CA GLY A 131 -10.79 -21.76 -9.85
C GLY A 131 -11.50 -23.07 -9.55
N LEU A 132 -12.76 -22.99 -9.11
CA LEU A 132 -13.60 -24.14 -8.77
C LEU A 132 -14.69 -24.33 -9.82
N ARG A 133 -14.92 -25.58 -10.24
CA ARG A 133 -16.10 -25.94 -11.04
C ARG A 133 -16.93 -27.02 -10.29
N GLU A 134 -17.24 -26.77 -9.01
CA GLU A 134 -17.87 -27.76 -8.12
C GLU A 134 -18.99 -27.14 -7.25
N GLN A 135 -19.60 -27.97 -6.38
CA GLN A 135 -20.68 -27.63 -5.41
C GLN A 135 -21.61 -26.49 -5.85
N GLY A 151 -18.20 -21.39 -13.42
CA GLY A 151 -17.07 -21.54 -12.52
C GLY A 151 -16.84 -20.35 -11.58
N MET A 152 -16.33 -20.64 -10.39
CA MET A 152 -16.02 -19.62 -9.39
C MET A 152 -14.50 -19.40 -9.30
N ASP A 153 -14.06 -18.17 -9.57
CA ASP A 153 -12.67 -17.77 -9.44
C ASP A 153 -12.46 -17.00 -8.15
N ILE A 154 -11.47 -17.43 -7.39
CA ILE A 154 -11.13 -16.84 -6.11
C ILE A 154 -9.69 -16.36 -6.17
N ALA A 155 -9.50 -15.07 -5.90
CA ALA A 155 -8.18 -14.48 -5.73
C ALA A 155 -7.93 -14.19 -4.23
N VAL A 156 -6.88 -14.78 -3.67
CA VAL A 156 -6.46 -14.50 -2.31
C VAL A 156 -5.27 -13.55 -2.40
N VAL A 157 -5.50 -12.28 -2.11
CA VAL A 157 -4.51 -11.24 -2.26
C VAL A 157 -3.91 -10.98 -0.88
N THR A 158 -2.56 -11.02 -0.83
CA THR A 158 -1.86 -10.88 0.42
C THR A 158 -0.89 -9.71 0.31
N THR A 159 -0.36 -9.30 1.45
CA THR A 159 0.73 -8.31 1.48
C THR A 159 2.11 -8.95 1.37
N ALA A 160 2.20 -10.27 1.18
CA ALA A 160 3.49 -10.89 0.84
C ALA A 160 3.96 -10.32 -0.52
N GLU A 161 5.24 -10.05 -0.62
CA GLU A 161 5.84 -9.60 -1.88
C GLU A 161 6.29 -10.74 -2.77
N THR A 162 6.45 -11.95 -2.19
CA THR A 162 6.88 -13.13 -2.97
C THR A 162 5.90 -14.28 -2.80
N ASP A 163 5.88 -15.15 -3.81
CA ASP A 163 5.09 -16.35 -3.76
C ASP A 163 5.47 -17.25 -2.59
N GLU A 164 6.77 -17.29 -2.27
CA GLU A 164 7.28 -18.14 -1.21
C GLU A 164 6.71 -17.70 0.12
N GLU A 165 6.73 -16.40 0.40
CA GLU A 165 6.18 -15.86 1.64
C GLU A 165 4.67 -16.07 1.72
N ALA A 166 4.00 -15.92 0.60
CA ALA A 166 2.55 -16.09 0.55
C ALA A 166 2.19 -17.54 0.76
N ARG A 167 2.95 -18.45 0.16
CA ARG A 167 2.71 -19.89 0.33
C ARG A 167 2.84 -20.29 1.79
N ALA A 168 3.89 -19.80 2.44
CA ALA A 168 4.08 -20.06 3.87
C ALA A 168 2.89 -19.51 4.69
N LEU A 169 2.45 -18.28 4.39
CA LEU A 169 1.30 -17.68 5.09
C LEU A 169 0.05 -18.55 4.98
N LEU A 170 -0.30 -18.90 3.74
CA LEU A 170 -1.49 -19.69 3.50
C LEU A 170 -1.39 -21.11 4.05
N GLU A 171 -0.25 -21.78 3.86
CA GLU A 171 -0.01 -23.14 4.43
C GLU A 171 -0.19 -23.12 5.94
N LEU A 172 0.42 -22.14 6.61
CA LEU A 172 0.29 -22.06 8.08
C LEU A 172 -1.13 -21.72 8.53
N LEU A 173 -1.88 -20.98 7.72
CA LEU A 173 -3.30 -20.77 8.02
C LEU A 173 -4.16 -22.03 7.82
N GLY A 174 -3.60 -23.08 7.20
CA GLY A 174 -4.33 -24.34 6.97
C GLY A 174 -4.84 -24.58 5.56
N PHE A 175 -4.35 -23.81 4.56
CA PHE A 175 -4.72 -24.09 3.16
C PHE A 175 -4.11 -25.42 2.76
N PRO A 176 -4.88 -26.38 2.34
CA PRO A 176 -4.34 -27.69 1.96
C PRO A 176 -3.61 -27.86 0.63
N PHE A 177 -2.31 -27.64 0.58
CA PHE A 177 -1.57 -27.80 -0.67
C PHE A 177 -0.91 -29.19 -0.88
N ARG A 178 -0.59 -29.51 -2.13
CA ARG A 178 0.08 -30.74 -2.61
C ARG A 178 -0.91 -31.68 -3.22
N VAL B 2 12.01 12.13 -15.45
CA VAL B 2 12.70 13.35 -15.07
C VAL B 2 14.16 13.08 -14.73
N ALA B 3 14.75 13.93 -13.90
CA ALA B 3 16.14 13.78 -13.49
C ALA B 3 16.24 13.03 -12.17
N LEU B 4 15.31 13.29 -11.27
CA LEU B 4 15.30 12.63 -9.95
C LEU B 4 14.65 11.25 -10.06
N LYS B 5 13.63 11.12 -10.89
CA LYS B 5 12.99 9.82 -11.11
C LYS B 5 13.95 8.86 -11.80
N ARG B 6 14.64 9.35 -12.82
CA ARG B 6 15.66 8.58 -13.51
C ARG B 6 16.80 8.20 -12.55
N LYS B 7 17.21 9.12 -11.68
CA LYS B 7 18.18 8.79 -10.63
C LYS B 7 17.67 7.63 -9.75
N TYR B 8 16.38 7.61 -9.39
CA TYR B 8 15.84 6.50 -8.61
C TYR B 8 16.11 5.15 -9.30
N TYR B 9 15.65 5.02 -10.54
CA TYR B 9 15.71 3.73 -11.26
C TYR B 9 17.12 3.33 -11.66
N GLU B 10 17.95 4.30 -12.02
CA GLU B 10 19.30 4.03 -12.49
C GLU B 10 20.33 3.85 -11.38
N GLU B 11 20.23 4.66 -10.33
CA GLU B 11 21.27 4.74 -9.29
C GLU B 11 20.82 4.22 -7.94
N VAL B 12 19.64 4.67 -7.50
CA VAL B 12 19.22 4.39 -6.15
C VAL B 12 18.75 2.96 -5.99
N ARG B 13 17.84 2.52 -6.85
CA ARG B 13 17.28 1.17 -6.73
C ARG B 13 18.39 0.08 -6.73
N PRO B 14 19.33 0.12 -7.68
CA PRO B 14 20.44 -0.86 -7.60
C PRO B 14 21.31 -0.78 -6.32
N GLU B 15 21.55 0.40 -5.79
CA GLU B 15 22.33 0.53 -4.53
C GLU B 15 21.54 -0.04 -3.32
N LEU B 16 20.23 0.21 -3.28
CA LEU B 16 19.36 -0.38 -2.23
C LEU B 16 19.36 -1.91 -2.29
N ILE B 17 19.32 -2.45 -3.51
CA ILE B 17 19.38 -3.89 -3.72
C ILE B 17 20.69 -4.46 -3.17
N ARG B 18 21.82 -3.84 -3.54
CA ARG B 18 23.12 -4.24 -3.00
C ARG B 18 23.16 -4.09 -1.49
N ARG B 19 22.64 -2.99 -0.98
CA ARG B 19 22.73 -2.70 0.44
C ARG B 19 21.86 -3.60 1.31
N PHE B 20 20.62 -3.87 0.90
CA PHE B 20 19.68 -4.62 1.73
C PHE B 20 19.39 -6.05 1.25
N GLY B 21 19.85 -6.45 0.06
CA GLY B 21 19.64 -7.84 -0.42
C GLY B 21 18.22 -8.18 -0.88
N TYR B 22 17.46 -7.20 -1.31
CA TYR B 22 16.13 -7.47 -1.92
C TYR B 22 16.32 -8.41 -3.10
N GLN B 23 15.53 -9.48 -3.14
CA GLN B 23 15.63 -10.46 -4.22
C GLN B 23 14.73 -10.16 -5.42
N ASN B 24 13.83 -9.20 -5.32
CA ASN B 24 13.04 -8.76 -6.50
C ASN B 24 12.95 -7.26 -6.47
N VAL B 25 12.81 -6.67 -7.65
CA VAL B 25 12.86 -5.22 -7.76
C VAL B 25 11.64 -4.54 -7.13
N TRP B 26 10.50 -5.24 -7.12
CA TRP B 26 9.27 -4.64 -6.55
C TRP B 26 9.27 -4.56 -5.03
N GLU B 27 10.18 -5.27 -4.38
CA GLU B 27 10.38 -5.15 -2.92
C GLU B 27 11.12 -3.92 -2.48
N VAL B 28 11.86 -3.32 -3.40
CA VAL B 28 12.74 -2.22 -3.06
C VAL B 28 11.87 -0.99 -2.67
N PRO B 29 12.20 -0.31 -1.56
CA PRO B 29 11.52 0.92 -1.20
C PRO B 29 11.35 1.91 -2.37
N ARG B 30 10.14 2.47 -2.51
CA ARG B 30 9.80 3.49 -3.52
C ARG B 30 9.18 4.68 -2.81
N LEU B 31 9.24 5.85 -3.45
CA LEU B 31 8.38 6.97 -3.04
C LEU B 31 6.94 6.65 -3.44
N GLU B 32 6.00 6.87 -2.54
CA GLU B 32 4.58 6.65 -2.82
C GLU B 32 3.87 7.99 -3.11
N LYS B 33 3.99 8.93 -2.21
CA LYS B 33 3.36 10.25 -2.40
C LYS B 33 4.05 11.27 -1.50
N VAL B 34 3.89 12.54 -1.84
CA VAL B 34 4.35 13.65 -1.02
C VAL B 34 3.14 14.54 -0.75
N VAL B 35 2.78 14.70 0.52
CA VAL B 35 1.63 15.53 0.91
C VAL B 35 2.15 16.81 1.53
N ILE B 36 1.71 17.93 0.98
CA ILE B 36 2.04 19.27 1.43
C ILE B 36 0.81 19.84 2.11
N ASN B 37 0.99 20.32 3.34
CA ASN B 37 -0.06 20.99 4.07
C ASN B 37 0.45 22.37 4.47
N GLN B 38 -0.36 23.39 4.21
CA GLN B 38 -0.01 24.77 4.53
C GLN B 38 -1.06 25.41 5.42
N GLY B 39 -0.76 25.53 6.71
CA GLY B 39 -1.69 26.12 7.68
C GLY B 39 -2.04 27.54 7.33
N LEU B 40 -3.26 27.97 7.69
CA LEU B 40 -3.77 29.36 7.56
C LEU B 40 -4.37 29.74 6.18
N ARG B 48 -8.75 36.84 -0.51
CA ARG B 48 -7.77 37.61 0.22
C ARG B 48 -6.58 36.73 0.49
N ILE B 49 -6.49 36.22 1.69
CA ILE B 49 -5.37 35.35 2.02
C ILE B 49 -5.47 34.04 1.24
N LEU B 50 -6.55 33.33 1.43
CA LEU B 50 -6.77 32.06 0.78
C LEU B 50 -6.59 32.08 -0.72
N GLU B 51 -7.14 33.07 -1.40
CA GLU B 51 -7.05 33.05 -2.89
C GLU B 51 -5.60 33.10 -3.36
N LYS B 52 -4.83 34.00 -2.75
CA LYS B 52 -3.41 34.18 -3.12
C LYS B 52 -2.57 32.96 -2.71
N ALA B 53 -2.74 32.51 -1.46
CA ALA B 53 -2.07 31.31 -0.94
C ALA B 53 -2.37 30.05 -1.76
N ALA B 54 -3.62 29.87 -2.19
CA ALA B 54 -3.97 28.74 -3.03
C ALA B 54 -3.28 28.85 -4.39
N GLN B 55 -3.28 30.05 -4.98
CA GLN B 55 -2.63 30.25 -6.27
C GLN B 55 -1.11 29.98 -6.20
N GLU B 56 -0.44 30.45 -5.14
CA GLU B 56 0.99 30.22 -5.00
C GLU B 56 1.29 28.72 -4.84
N LEU B 57 0.53 28.04 -3.97
CA LEU B 57 0.71 26.63 -3.76
C LEU B 57 0.42 25.83 -5.03
N ALA B 58 -0.64 26.22 -5.76
CA ALA B 58 -0.93 25.64 -7.09
C ALA B 58 0.25 25.79 -8.07
N LEU B 59 0.85 26.98 -8.08
CA LEU B 59 2.00 27.24 -8.94
C LEU B 59 3.22 26.38 -8.59
N ILE B 60 3.53 26.30 -7.30
CA ILE B 60 4.73 25.57 -6.80
C ILE B 60 4.62 24.05 -7.00
N THR B 61 3.41 23.50 -6.86
CA THR B 61 3.18 22.04 -6.92
C THR B 61 2.68 21.56 -8.28
N GLY B 62 2.15 22.48 -9.09
CA GLY B 62 1.47 22.14 -10.35
C GLY B 62 0.12 21.43 -10.18
N GLN B 63 -0.51 21.59 -9.02
CA GLN B 63 -1.72 20.85 -8.72
C GLN B 63 -2.70 21.70 -7.90
N LYS B 64 -3.99 21.38 -8.03
CA LYS B 64 -5.06 22.17 -7.38
C LYS B 64 -5.15 21.85 -5.86
N PRO B 65 -4.87 22.83 -4.99
CA PRO B 65 -4.98 22.56 -3.55
C PRO B 65 -6.41 22.32 -3.10
N ALA B 66 -6.62 21.36 -2.21
CA ALA B 66 -7.90 21.25 -1.49
C ALA B 66 -7.83 22.18 -0.30
N VAL B 67 -8.99 22.70 0.09
CA VAL B 67 -9.10 23.64 1.18
C VAL B 67 -9.51 22.83 2.38
N THR B 68 -8.71 22.86 3.45
CA THR B 68 -9.07 22.21 4.70
C THR B 68 -9.90 23.20 5.51
N ARG B 69 -11.06 22.73 6.01
CA ARG B 69 -12.03 23.57 6.68
C ARG B 69 -12.36 23.02 8.08
N ALA B 70 -12.64 23.94 8.99
CA ALA B 70 -12.95 23.58 10.37
C ALA B 70 -14.27 22.77 10.47
N LYS B 71 -14.17 21.56 11.00
CA LYS B 71 -15.33 20.74 11.38
C LYS B 71 -15.72 21.05 12.82
N LYS B 81 -16.16 27.15 11.47
CA LYS B 81 -17.36 26.40 11.13
C LYS B 81 -17.44 26.30 9.59
N GLY B 82 -16.47 25.59 9.02
CA GLY B 82 -16.20 25.64 7.60
C GLY B 82 -15.36 26.85 7.19
N MET B 83 -14.76 27.59 8.13
CA MET B 83 -13.72 28.58 7.82
C MET B 83 -12.48 27.84 7.28
N PRO B 84 -11.78 28.41 6.28
CA PRO B 84 -10.57 27.73 5.78
C PRO B 84 -9.48 27.77 6.83
N ILE B 85 -8.87 26.61 7.10
CA ILE B 85 -7.78 26.52 8.07
C ILE B 85 -6.45 26.03 7.48
N GLY B 86 -6.48 25.46 6.28
CA GLY B 86 -5.27 25.09 5.58
C GLY B 86 -5.50 24.71 4.13
N LEU B 87 -4.39 24.40 3.47
CA LEU B 87 -4.40 23.95 2.09
C LEU B 87 -3.64 22.65 2.07
N ARG B 88 -4.11 21.68 1.27
CA ARG B 88 -3.46 20.38 1.15
C ARG B 88 -3.35 19.97 -0.33
N VAL B 89 -2.21 19.38 -0.68
CA VAL B 89 -1.98 18.81 -2.01
C VAL B 89 -1.25 17.49 -1.83
N THR B 90 -1.79 16.45 -2.47
CA THR B 90 -1.24 15.09 -2.42
C THR B 90 -0.62 14.81 -3.81
N LEU B 91 0.70 14.83 -3.86
CA LEU B 91 1.46 14.71 -5.10
C LEU B 91 1.86 13.25 -5.29
N ARG B 92 1.57 12.73 -6.47
CA ARG B 92 1.95 11.38 -6.87
C ARG B 92 2.61 11.45 -8.23
N ARG B 93 3.28 10.36 -8.62
CA ARG B 93 3.84 10.23 -9.96
C ARG B 93 4.73 11.44 -10.33
N ASP B 94 4.67 11.91 -11.56
CA ASP B 94 5.62 12.91 -12.06
C ASP B 94 5.59 14.21 -11.24
N ARG B 95 4.39 14.63 -10.82
CA ARG B 95 4.28 15.86 -10.01
C ARG B 95 5.03 15.77 -8.66
N MET B 96 5.00 14.60 -8.03
CA MET B 96 5.81 14.35 -6.84
C MET B 96 7.29 14.54 -7.11
N TRP B 97 7.78 13.83 -8.12
CA TRP B 97 9.21 13.89 -8.53
C TRP B 97 9.62 15.31 -8.88
N ILE B 98 8.80 16.01 -9.70
CA ILE B 98 9.13 17.39 -10.12
C ILE B 98 9.19 18.30 -8.87
N PHE B 99 8.22 18.15 -7.95
CA PHE B 99 8.24 18.94 -6.72
C PHE B 99 9.50 18.62 -5.88
N LEU B 100 9.81 17.36 -5.68
CA LEU B 100 11.00 17.01 -4.89
C LEU B 100 12.33 17.52 -5.48
N GLU B 101 12.43 17.47 -6.80
CA GLU B 101 13.58 18.01 -7.52
C GLU B 101 13.78 19.49 -7.19
N LYS B 102 12.69 20.24 -7.16
CA LYS B 102 12.68 21.66 -6.73
C LYS B 102 13.02 21.84 -5.24
N LEU B 103 12.41 21.06 -4.36
CA LEU B 103 12.71 21.13 -2.92
C LEU B 103 14.22 20.95 -2.68
N LEU B 104 14.78 19.88 -3.23
CA LEU B 104 16.22 19.56 -3.03
C LEU B 104 17.17 20.59 -3.70
N ASN B 105 16.95 20.89 -4.98
CA ASN B 105 17.87 21.71 -5.78
C ASN B 105 17.69 23.22 -5.63
N VAL B 106 16.47 23.68 -5.37
CA VAL B 106 16.18 25.11 -5.34
C VAL B 106 15.84 25.59 -3.94
N ALA B 107 14.93 24.92 -3.24
CA ALA B 107 14.42 25.41 -1.95
C ALA B 107 15.43 25.28 -0.80
N LEU B 108 15.88 24.06 -0.51
CA LEU B 108 16.78 23.85 0.65
C LEU B 108 18.08 24.71 0.64
N PRO B 109 18.69 24.93 -0.55
CA PRO B 109 19.85 25.82 -0.60
C PRO B 109 19.64 27.32 -0.23
N ARG B 110 18.41 27.81 -0.32
CA ARG B 110 18.12 29.20 0.01
C ARG B 110 18.05 29.41 1.52
N ILE B 111 17.95 28.31 2.26
CA ILE B 111 17.88 28.38 3.71
C ILE B 111 19.18 28.86 4.32
N ARG B 112 19.18 30.08 4.85
CA ARG B 112 20.37 30.66 5.46
C ARG B 112 20.72 29.96 6.76
N PHE B 114 21.93 26.74 6.42
CA PHE B 114 21.32 25.42 6.34
C PHE B 114 22.29 24.44 6.89
N ARG B 115 21.82 23.60 7.80
CA ARG B 115 22.68 22.60 8.43
C ARG B 115 22.29 21.14 8.17
N GLY B 116 21.43 20.91 7.19
CA GLY B 116 21.01 19.55 6.87
C GLY B 116 19.72 19.20 7.57
N LEU B 117 18.98 18.23 7.02
CA LEU B 117 17.70 17.80 7.56
C LEU B 117 17.88 16.94 8.82
N ASN B 118 16.85 16.95 9.66
CA ASN B 118 16.90 16.21 10.92
C ASN B 118 16.77 14.70 10.63
N PRO B 119 17.79 13.89 10.99
CA PRO B 119 17.73 12.45 10.73
C PRO B 119 16.79 11.67 11.67
N ASN B 120 16.35 12.30 12.77
CA ASN B 120 15.39 11.69 13.70
C ASN B 120 13.90 11.86 13.31
N SER B 121 13.59 12.57 12.22
CA SER B 121 12.21 12.93 11.89
C SER B 121 11.47 11.91 11.03
N PHE B 122 11.84 10.63 11.13
CA PHE B 122 11.06 9.57 10.49
C PHE B 122 9.97 9.12 11.46
N ASP B 123 8.85 8.65 10.93
CA ASP B 123 7.66 8.41 11.76
C ASP B 123 7.60 7.02 12.42
N GLY B 124 8.65 6.22 12.28
CA GLY B 124 8.65 4.82 12.77
C GLY B 124 8.11 3.80 11.76
N ARG B 125 7.52 4.26 10.67
CA ARG B 125 6.92 3.36 9.67
C ARG B 125 7.46 3.66 8.29
N GLY B 126 8.64 4.27 8.23
CA GLY B 126 9.32 4.52 6.97
C GLY B 126 8.90 5.74 6.17
N ASN B 127 8.31 6.71 6.86
CA ASN B 127 7.92 7.99 6.22
C ASN B 127 8.67 9.13 6.91
N TYR B 128 8.86 10.21 6.15
CA TYR B 128 9.63 11.34 6.63
C TYR B 128 8.72 12.59 6.71
N ASN B 129 8.90 13.39 7.74
CA ASN B 129 8.16 14.63 7.91
C ASN B 129 9.11 15.81 8.09
N LEU B 130 8.89 16.87 7.34
CA LEU B 130 9.61 18.11 7.57
C LEU B 130 8.75 19.31 7.43
N GLY B 131 9.21 20.33 8.11
CA GLY B 131 8.56 21.63 8.18
C GLY B 131 9.51 22.66 7.59
N LEU B 132 9.00 23.48 6.66
CA LEU B 132 9.71 24.65 6.16
C LEU B 132 9.07 25.93 6.70
N ARG B 133 9.89 26.93 7.05
CA ARG B 133 9.39 28.17 7.64
C ARG B 133 9.57 29.41 6.75
N GLU B 134 9.29 29.29 5.46
CA GLU B 134 9.21 30.43 4.53
C GLU B 134 8.71 29.96 3.15
N GLN B 135 8.68 30.87 2.16
CA GLN B 135 8.41 30.55 0.73
C GLN B 135 9.68 30.76 -0.14
N LEU B 136 10.20 29.65 -0.66
CA LEU B 136 11.55 29.57 -1.23
C LEU B 136 11.50 29.07 -2.68
N GLY B 151 4.59 28.98 6.49
CA GLY B 151 5.41 27.76 6.51
C GLY B 151 4.64 26.48 6.22
N MET B 152 5.24 25.56 5.45
CA MET B 152 4.58 24.35 4.99
C MET B 152 5.11 23.07 5.63
N ASP B 153 4.18 22.15 5.85
CA ASP B 153 4.47 20.81 6.37
C ASP B 153 4.43 19.81 5.22
N ILE B 154 5.49 19.01 5.10
CA ILE B 154 5.66 18.08 4.01
C ILE B 154 5.81 16.67 4.59
N ALA B 155 4.95 15.76 4.15
CA ALA B 155 5.06 14.33 4.44
C ALA B 155 5.57 13.57 3.20
N VAL B 156 6.69 12.89 3.35
CA VAL B 156 7.25 12.06 2.29
C VAL B 156 6.92 10.62 2.67
N VAL B 157 5.97 10.03 1.97
CA VAL B 157 5.47 8.69 2.31
C VAL B 157 6.14 7.74 1.33
N THR B 158 6.73 6.68 1.87
CA THR B 158 7.43 5.70 1.06
C THR B 158 6.85 4.32 1.31
N THR B 159 7.22 3.38 0.44
CA THR B 159 6.89 1.97 0.66
C THR B 159 7.94 1.23 1.50
N ALA B 160 8.93 1.93 2.03
CA ALA B 160 9.83 1.33 3.05
C ALA B 160 8.99 0.99 4.28
N GLU B 161 9.23 -0.19 4.85
CA GLU B 161 8.57 -0.63 6.06
C GLU B 161 9.32 -0.17 7.31
N THR B 162 10.60 0.21 7.17
CA THR B 162 11.39 0.70 8.32
C THR B 162 11.98 2.08 8.05
N ASP B 163 12.24 2.80 9.15
CA ASP B 163 12.94 4.08 9.08
C ASP B 163 14.31 3.96 8.44
N GLU B 164 15.00 2.86 8.72
CA GLU B 164 16.37 2.66 8.24
C GLU B 164 16.35 2.56 6.71
N GLU B 165 15.40 1.79 6.16
CA GLU B 165 15.28 1.65 4.70
C GLU B 165 14.85 2.95 4.04
N ALA B 166 13.97 3.68 4.71
CA ALA B 166 13.49 4.96 4.18
C ALA B 166 14.61 5.98 4.21
N ARG B 167 15.41 6.00 5.29
CA ARG B 167 16.54 6.92 5.38
C ARG B 167 17.54 6.67 4.24
N ALA B 168 17.85 5.40 4.01
CA ALA B 168 18.74 5.06 2.89
C ALA B 168 18.16 5.51 1.53
N LEU B 169 16.86 5.28 1.32
CA LEU B 169 16.18 5.71 0.07
C LEU B 169 16.32 7.21 -0.16
N LEU B 170 15.92 7.97 0.86
CA LEU B 170 15.96 9.43 0.77
C LEU B 170 17.38 9.97 0.67
N GLU B 171 18.31 9.47 1.48
CA GLU B 171 19.74 9.87 1.40
C GLU B 171 20.30 9.65 -0.01
N LEU B 172 20.04 8.47 -0.58
CA LEU B 172 20.52 8.17 -1.93
C LEU B 172 19.86 9.02 -3.01
N LEU B 173 18.62 9.43 -2.80
CA LEU B 173 18.00 10.40 -3.71
C LEU B 173 18.57 11.82 -3.57
N GLY B 174 19.36 12.08 -2.53
CA GLY B 174 19.99 13.39 -2.33
C GLY B 174 19.39 14.25 -1.22
N PHE B 175 18.56 13.68 -0.34
CA PHE B 175 18.09 14.42 0.86
C PHE B 175 19.31 14.61 1.80
N PRO B 176 19.68 15.87 2.09
CA PRO B 176 20.87 16.11 2.90
C PRO B 176 20.52 15.96 4.38
N PHE B 177 21.00 14.93 5.03
CA PHE B 177 20.84 14.77 6.50
C PHE B 177 22.08 15.26 7.24
N ARG B 178 21.87 15.77 8.46
CA ARG B 178 22.94 16.29 9.33
C ARG B 178 23.35 15.22 10.35
MG MG E . 0.93 -9.61 -2.81
MG MG F . 6.22 3.53 4.82
OBD 96T G . -6.75 -19.31 -24.58
CBC 96T G . -7.23 -20.24 -23.63
CBB 96T G . -8.76 -20.31 -23.76
CAZ 96T G . -9.44 -19.19 -22.96
NAU 96T G . -10.64 -19.71 -22.24
CAT 96T G . -10.43 -20.50 -21.16
CAS 96T G . -9.31 -20.98 -20.59
CAR 96T G . -9.32 -21.86 -19.50
CAC 96T G . -10.56 -22.26 -19.00
CAD 96T G . -11.71 -21.77 -19.63
CAE 96T G . -11.63 -20.93 -20.69
CAF 96T G . -12.64 -20.35 -21.45
CAP 96T G . -13.59 -21.45 -22.01
CAA 96T G . -13.42 -19.37 -20.57
CAG 96T G . -11.96 -19.66 -22.49
CAH 96T G . -12.72 -19.09 -23.49
CAI 96T G . -12.31 -18.28 -24.74
CAJ 96T G . -13.53 -17.83 -25.60
CAK 96T G . -13.60 -17.12 -26.76
CAL 96T G . -14.88 -16.85 -27.31
CAQ 96T G . -15.61 -18.16 -27.69
CAB 96T G . -15.77 -16.01 -26.37
CAM 96T G . -14.64 -16.15 -28.49
CAN 96T G . -15.50 -15.69 -29.42
CAO 96T G . -15.05 -15.00 -30.54
CAY 96T G . -13.69 -14.80 -30.68
CAX 96T G . -12.84 -15.30 -29.69
CAW 96T G . -13.31 -15.96 -28.61
NAV 96T G . -12.66 -16.50 -27.54
CBA 96T G . -11.16 -16.43 -27.49
CBE 96T G . -10.50 -15.04 -27.15
CBF 96T G . -11.09 -14.04 -27.86
OBG 96T G . -11.33 -13.01 -27.78
MG MG H . -3.76 0.97 -10.67
MG MG I . -14.63 6.85 -4.67
MG MG J . -6.91 12.39 -20.98
MG MG K . -9.16 -4.51 -17.65
MG MG L . -8.02 3.45 7.12
#